data_6WX9
#
_entry.id   6WX9
#
_cell.length_a   160.460
_cell.length_b   61.420
_cell.length_c   69.100
_cell.angle_alpha   90.000
_cell.angle_beta   95.490
_cell.angle_gamma   90.000
#
_symmetry.space_group_name_H-M   'C 1 2 1'
#
loop_
_entity.id
_entity.type
_entity.pdbx_description
1 polymer 'Importin subunit alpha-5'
2 polymer 'Transcription factor SOX-2'
3 water water
#
loop_
_entity_poly.entity_id
_entity_poly.type
_entity_poly.pdbx_seq_one_letter_code
_entity_poly.pdbx_strand_id
1 'polypeptide(L)'
;SSNMEMAPGGVITSDMIEMIFSKSPEQQLSATQKFRKLLSKEPNPPIDEVISTPGVVARFVEFLKRKENCTLQFESAWVL
TNIASGNSLQTRIVIQAGAVPIFIELLSSEFEDVQEQAVWALGNIAGDSTMCRDYVLDCNILPPLLQLFSKQNRLTMTRN
AVWALSNLCRGKSPPPEFAKVSPCLNVLSWLLFVSDTDVLADACWALSYLSDGPNDKIQAVIDAGVCRRLVELLMHNDYK
VVSPALRAVGNIVTGDDIQTQVILNCSALQSLLHLLSSPKESIKKEACWTISNITAGNRAQIQTVIDANIFPALISILQT
AEFRTRKEAAWAITNATSGGSAEQIKYLVELGCIKPLCDLLTVMDSKIVQVALNGLENILRLGEQEAKRNGTGINPYCAL
IEEAYGLDKIEFLQSHENQEIYQKAFDLIEHYFGTEDEDSSIAPQVDLNQQQYIFQQCEAPMEGFQL
;
A
2 'polypeptide(L)'
;SDRVKRPMNAFMVWSRGQRRKMAQENPKMHNSEISKRLGAEWKLLSETEKRPFIDEAKRLRALHMKEHPDYKYRPRRKTK
TLMKKDKYTL
;
B
#
# COMPACT_ATOMS: atom_id res chain seq x y z
N GLY A 10 5.59 27.83 33.53
CA GLY A 10 4.57 28.32 32.61
C GLY A 10 3.51 27.29 32.27
N VAL A 11 3.84 26.41 31.32
CA VAL A 11 2.89 25.40 30.90
C VAL A 11 2.76 24.29 31.94
N ILE A 12 3.82 24.02 32.67
CA ILE A 12 3.84 22.94 33.66
C ILE A 12 4.11 23.57 35.02
N THR A 13 3.04 23.81 35.78
CA THR A 13 3.16 24.40 37.11
C THR A 13 3.93 23.49 38.05
N SER A 14 4.51 24.09 39.08
CA SER A 14 5.29 23.31 40.05
C SER A 14 4.39 22.41 40.89
N ASP A 15 3.11 22.78 41.06
CA ASP A 15 2.16 21.93 41.76
C ASP A 15 2.09 20.55 41.11
N MET A 16 2.16 20.51 39.78
CA MET A 16 2.04 19.25 39.05
C MET A 16 3.20 18.31 39.38
N ILE A 17 4.43 18.80 39.25
CA ILE A 17 5.58 17.95 39.56
C ILE A 17 5.54 17.50 41.01
N GLU A 18 5.13 18.40 41.91
CA GLU A 18 5.01 18.04 43.31
C GLU A 18 4.09 16.83 43.49
N MET A 19 2.84 16.96 43.02
CA MET A 19 1.89 15.85 43.14
C MET A 19 2.38 14.60 42.43
N ILE A 20 3.10 14.77 41.31
CA ILE A 20 3.60 13.61 40.56
C ILE A 20 4.53 12.78 41.44
N PHE A 21 5.44 13.44 42.15
CA PHE A 21 6.35 12.71 43.02
C PHE A 21 5.82 12.52 44.43
N SER A 22 4.58 12.91 44.69
CA SER A 22 3.96 12.62 45.98
C SER A 22 3.59 11.15 46.07
N LYS A 23 3.75 10.57 47.25
CA LYS A 23 3.39 9.18 47.48
C LYS A 23 1.93 8.98 47.82
N SER A 24 1.10 10.00 47.61
CA SER A 24 -0.34 9.88 47.81
C SER A 24 -0.99 9.55 46.49
N PRO A 25 -1.57 8.36 46.31
CA PRO A 25 -2.18 8.00 45.02
C PRO A 25 -3.19 9.01 44.52
N GLU A 26 -3.91 9.66 45.43
CA GLU A 26 -4.85 10.73 45.05
C GLU A 26 -4.13 11.79 44.21
N GLN A 27 -3.04 12.33 44.74
CA GLN A 27 -2.33 13.40 44.07
C GLN A 27 -1.57 12.89 42.83
N GLN A 28 -1.00 11.68 42.93
CA GLN A 28 -0.39 11.06 41.76
C GLN A 28 -1.34 11.07 40.58
N LEU A 29 -2.56 10.57 40.80
CA LEU A 29 -3.55 10.50 39.74
C LEU A 29 -3.96 11.89 39.26
N SER A 30 -4.20 12.80 40.22
CA SER A 30 -4.56 14.18 39.87
C SER A 30 -3.57 14.76 38.87
N ALA A 31 -2.28 14.72 39.20
CA ALA A 31 -1.28 15.34 38.34
C ALA A 31 -1.09 14.57 37.03
N THR A 32 -1.17 13.24 37.10
CA THR A 32 -1.01 12.44 35.87
C THR A 32 -2.10 12.77 34.86
N GLN A 33 -3.34 12.91 35.31
CA GLN A 33 -4.40 13.26 34.37
C GLN A 33 -4.35 14.73 33.96
N LYS A 34 -3.77 15.61 34.79
CA LYS A 34 -3.46 16.95 34.30
C LYS A 34 -2.53 16.89 33.10
N PHE A 35 -1.45 16.10 33.21
CA PHE A 35 -0.56 15.89 32.07
C PHE A 35 -1.33 15.31 30.87
N ARG A 36 -2.19 14.33 31.12
CA ARG A 36 -2.97 13.72 30.04
C ARG A 36 -3.79 14.77 29.30
N LYS A 37 -4.56 15.56 30.03
CA LYS A 37 -5.38 16.60 29.40
C LYS A 37 -4.52 17.58 28.61
N LEU A 38 -3.42 18.05 29.22
CA LEU A 38 -2.57 19.00 28.52
C LEU A 38 -1.89 18.39 27.29
N LEU A 39 -1.85 17.06 27.18
CA LEU A 39 -1.30 16.42 26.00
C LEU A 39 -2.35 16.02 24.98
N SER A 40 -3.64 16.14 25.31
CA SER A 40 -4.72 15.86 24.37
C SER A 40 -5.07 17.07 23.51
N LYS A 41 -4.25 18.11 23.53
CA LYS A 41 -4.53 19.32 22.78
C LYS A 41 -4.53 19.03 21.28
N GLU A 42 -5.55 19.56 20.59
CA GLU A 42 -5.66 19.31 19.14
C GLU A 42 -4.57 20.00 18.34
N PRO A 43 -4.26 21.31 18.52
CA PRO A 43 -3.30 21.95 17.61
C PRO A 43 -1.89 21.39 17.74
N ASN A 44 -1.30 21.51 18.93
CA ASN A 44 0.06 21.05 19.20
C ASN A 44 0.25 20.85 20.69
N PRO A 45 0.19 19.61 21.19
CA PRO A 45 0.41 19.40 22.62
C PRO A 45 1.87 19.67 22.98
N PRO A 46 2.16 20.13 24.19
CA PRO A 46 3.55 20.43 24.57
C PRO A 46 4.36 19.20 24.98
N ILE A 47 4.84 18.47 23.97
CA ILE A 47 5.63 17.26 24.22
C ILE A 47 7.02 17.64 24.72
N ASP A 48 7.65 18.61 24.07
CA ASP A 48 8.99 19.04 24.47
C ASP A 48 9.00 19.57 25.90
N GLU A 49 7.88 20.15 26.34
CA GLU A 49 7.83 20.71 27.69
C GLU A 49 7.78 19.62 28.75
N VAL A 50 7.03 18.55 28.49
CA VAL A 50 7.00 17.45 29.47
C VAL A 50 8.31 16.67 29.43
N ILE A 51 8.98 16.63 28.28
CA ILE A 51 10.26 15.92 28.24
C ILE A 51 11.37 16.72 28.91
N SER A 52 11.22 18.04 29.03
CA SER A 52 12.25 18.90 29.61
C SER A 52 12.34 18.80 31.13
N THR A 53 11.49 17.99 31.77
CA THR A 53 11.50 17.81 33.23
C THR A 53 12.05 16.42 33.52
N PRO A 54 13.39 16.27 33.66
CA PRO A 54 14.04 14.96 33.48
C PRO A 54 13.36 13.74 34.09
N GLY A 55 12.63 13.92 35.19
CA GLY A 55 12.15 12.76 35.93
C GLY A 55 10.66 12.44 35.86
N VAL A 56 9.96 12.90 34.84
CA VAL A 56 8.53 12.66 34.73
C VAL A 56 8.22 11.48 33.80
N VAL A 57 8.92 11.36 32.67
CA VAL A 57 8.64 10.27 31.74
C VAL A 57 8.94 8.93 32.40
N ALA A 58 10.08 8.82 33.06
CA ALA A 58 10.39 7.62 33.83
C ALA A 58 9.38 7.42 34.96
N ARG A 59 8.91 8.51 35.56
CA ARG A 59 7.89 8.40 36.60
C ARG A 59 6.60 7.79 36.05
N PHE A 60 6.20 8.21 34.85
CA PHE A 60 5.02 7.62 34.22
C PHE A 60 5.24 6.14 33.91
N VAL A 61 6.43 5.81 33.38
CA VAL A 61 6.77 4.41 33.14
C VAL A 61 6.62 3.61 34.43
N GLU A 62 7.04 4.18 35.56
CA GLU A 62 6.90 3.50 36.84
C GLU A 62 5.44 3.36 37.24
N PHE A 63 4.62 4.36 36.92
CA PHE A 63 3.19 4.25 37.23
C PHE A 63 2.54 3.12 36.45
N LEU A 64 3.06 2.81 35.27
CA LEU A 64 2.48 1.73 34.46
C LEU A 64 2.49 0.38 35.16
N LYS A 65 3.34 0.18 36.16
CA LYS A 65 3.46 -1.11 36.85
C LYS A 65 2.49 -1.24 38.03
N ARG A 66 1.57 -0.29 38.20
CA ARG A 66 0.69 -0.27 39.37
C ARG A 66 -0.58 -1.07 39.05
N LYS A 67 -0.47 -2.39 39.17
CA LYS A 67 -1.63 -3.25 38.96
C LYS A 67 -2.71 -2.98 40.01
N GLU A 68 -2.31 -2.52 41.20
CA GLU A 68 -3.27 -2.19 42.25
C GLU A 68 -4.34 -1.22 41.76
N ASN A 69 -3.95 -0.25 40.95
CA ASN A 69 -4.81 0.84 40.51
C ASN A 69 -4.91 0.75 39.00
N CYS A 70 -6.12 0.50 38.47
CA CYS A 70 -6.28 0.40 37.02
C CYS A 70 -6.31 1.78 36.37
N THR A 71 -6.91 2.75 37.05
CA THR A 71 -7.03 4.10 36.51
C THR A 71 -5.65 4.73 36.28
N LEU A 72 -4.68 4.43 37.14
CA LEU A 72 -3.38 5.08 37.05
C LEU A 72 -2.59 4.60 35.85
N GLN A 73 -2.51 3.28 35.63
CA GLN A 73 -1.91 2.78 34.40
C GLN A 73 -2.61 3.32 33.18
N PHE A 74 -3.95 3.43 33.24
CA PHE A 74 -4.66 3.96 32.07
C PHE A 74 -4.21 5.37 31.74
N GLU A 75 -4.26 6.28 32.72
CA GLU A 75 -3.90 7.66 32.47
C GLU A 75 -2.43 7.78 32.06
N SER A 76 -1.54 7.01 32.70
CA SER A 76 -0.13 7.07 32.35
C SER A 76 0.11 6.55 30.94
N ALA A 77 -0.58 5.47 30.55
CA ALA A 77 -0.45 4.96 29.20
C ALA A 77 -0.95 5.98 28.19
N TRP A 78 -2.04 6.68 28.51
CA TRP A 78 -2.53 7.74 27.61
C TRP A 78 -1.46 8.81 27.42
N VAL A 79 -0.90 9.31 28.53
CA VAL A 79 0.18 10.30 28.46
C VAL A 79 1.30 9.79 27.56
N LEU A 80 1.71 8.54 27.75
CA LEU A 80 2.85 8.01 27.01
C LEU A 80 2.53 7.78 25.54
N THR A 81 1.29 7.38 25.23
CA THR A 81 0.88 7.29 23.82
C THR A 81 1.01 8.64 23.14
N ASN A 82 0.49 9.68 23.77
CA ASN A 82 0.57 11.00 23.16
C ASN A 82 2.01 11.46 22.99
N ILE A 83 2.86 11.19 23.99
CA ILE A 83 4.28 11.51 23.85
C ILE A 83 4.88 10.73 22.68
N ALA A 84 4.48 9.46 22.53
CA ALA A 84 4.95 8.60 21.45
C ALA A 84 4.33 8.95 20.09
N SER A 85 3.38 9.90 20.05
CA SER A 85 2.76 10.31 18.79
C SER A 85 3.51 11.45 18.10
N GLY A 86 4.65 11.86 18.64
CA GLY A 86 5.39 13.04 18.18
C GLY A 86 6.53 12.71 17.24
N ASN A 87 7.67 13.39 17.40
CA ASN A 87 8.81 13.13 16.53
C ASN A 87 9.58 11.90 16.99
N SER A 88 10.62 11.53 16.22
CA SER A 88 11.39 10.34 16.53
C SER A 88 12.16 10.49 17.84
N LEU A 89 12.69 11.69 18.10
CA LEU A 89 13.42 11.91 19.34
C LEU A 89 12.51 11.72 20.56
N GLN A 90 11.27 12.22 20.46
CA GLN A 90 10.35 12.16 21.59
C GLN A 90 9.97 10.72 21.92
N THR A 91 9.87 9.85 20.92
CA THR A 91 9.58 8.45 21.19
C THR A 91 10.82 7.66 21.59
N ARG A 92 12.00 8.09 21.12
CA ARG A 92 13.23 7.50 21.62
C ARG A 92 13.36 7.74 23.12
N ILE A 93 12.90 8.89 23.60
CA ILE A 93 12.84 9.12 25.05
C ILE A 93 12.01 8.05 25.73
N VAL A 94 10.84 7.72 25.18
CA VAL A 94 9.98 6.71 25.76
C VAL A 94 10.65 5.34 25.71
N ILE A 95 11.28 5.01 24.58
CA ILE A 95 11.91 3.71 24.41
C ILE A 95 13.03 3.51 25.42
N GLN A 96 14.04 4.39 25.37
CA GLN A 96 15.18 4.24 26.27
C GLN A 96 14.81 4.49 27.73
N ALA A 97 13.59 4.94 28.01
CA ALA A 97 13.03 4.88 29.35
C ALA A 97 12.49 3.49 29.69
N GLY A 98 12.49 2.57 28.73
CA GLY A 98 12.14 1.19 28.98
C GLY A 98 10.66 0.87 28.91
N ALA A 99 9.85 1.72 28.30
CA ALA A 99 8.40 1.57 28.37
C ALA A 99 7.87 0.43 27.50
N VAL A 100 8.61 0.01 26.47
CA VAL A 100 8.09 -1.01 25.55
C VAL A 100 7.83 -2.34 26.24
N PRO A 101 8.78 -2.93 26.98
CA PRO A 101 8.47 -4.22 27.64
C PRO A 101 7.34 -4.11 28.64
N ILE A 102 7.24 -2.98 29.34
CA ILE A 102 6.14 -2.80 30.30
C ILE A 102 4.80 -2.80 29.57
N PHE A 103 4.71 -2.06 28.46
CA PHE A 103 3.47 -2.07 27.67
C PHE A 103 3.12 -3.47 27.21
N ILE A 104 4.13 -4.23 26.76
CA ILE A 104 3.86 -5.59 26.27
C ILE A 104 3.32 -6.46 27.40
N GLU A 105 3.96 -6.36 28.57
CA GLU A 105 3.44 -7.07 29.75
C GLU A 105 2.02 -6.62 30.08
N LEU A 106 1.71 -5.35 29.84
CA LEU A 106 0.38 -4.80 30.10
C LEU A 106 -0.66 -5.27 29.09
N LEU A 107 -0.23 -5.82 27.95
CA LEU A 107 -1.19 -6.43 27.04
C LEU A 107 -2.02 -7.52 27.73
N SER A 108 -1.41 -8.26 28.67
CA SER A 108 -2.08 -9.35 29.37
C SER A 108 -2.82 -8.89 30.61
N SER A 109 -3.03 -7.58 30.78
CA SER A 109 -3.60 -7.04 32.00
C SER A 109 -5.05 -7.51 32.18
N GLU A 110 -5.50 -7.49 33.43
CA GLU A 110 -6.88 -7.80 33.75
C GLU A 110 -7.83 -6.71 33.30
N PHE A 111 -7.35 -5.47 33.22
CA PHE A 111 -8.18 -4.31 32.93
C PHE A 111 -8.13 -3.99 31.43
N GLU A 112 -9.31 -3.81 30.83
CA GLU A 112 -9.42 -3.72 29.37
C GLU A 112 -8.97 -2.35 28.85
N ASP A 113 -9.37 -1.26 29.53
CA ASP A 113 -8.88 0.06 29.17
C ASP A 113 -7.36 0.06 29.08
N VAL A 114 -6.70 -0.61 30.03
CA VAL A 114 -5.24 -0.59 30.10
C VAL A 114 -4.64 -1.29 28.90
N GLN A 115 -5.15 -2.47 28.54
CA GLN A 115 -4.56 -3.20 27.42
C GLN A 115 -4.84 -2.50 26.09
N GLU A 116 -6.00 -1.85 25.96
CA GLU A 116 -6.24 -1.03 24.78
C GLU A 116 -5.21 0.08 24.65
N GLN A 117 -5.00 0.84 25.73
CA GLN A 117 -3.99 1.89 25.68
C GLN A 117 -2.60 1.33 25.42
N ALA A 118 -2.31 0.12 25.92
CA ALA A 118 -1.01 -0.48 25.70
C ALA A 118 -0.77 -0.75 24.22
N VAL A 119 -1.74 -1.38 23.56
CA VAL A 119 -1.56 -1.65 22.13
C VAL A 119 -1.51 -0.34 21.34
N TRP A 120 -2.22 0.69 21.78
CA TRP A 120 -2.14 1.99 21.10
C TRP A 120 -0.74 2.59 21.23
N ALA A 121 -0.18 2.58 22.43
CA ALA A 121 1.18 3.08 22.63
C ALA A 121 2.17 2.34 21.76
N LEU A 122 2.07 1.01 21.75
CA LEU A 122 2.99 0.22 20.93
C LEU A 122 2.76 0.46 19.44
N GLY A 123 1.53 0.82 19.05
CA GLY A 123 1.29 1.18 17.67
C GLY A 123 2.02 2.45 17.28
N ASN A 124 1.96 3.46 18.14
CA ASN A 124 2.71 4.69 17.87
C ASN A 124 4.21 4.42 17.83
N ILE A 125 4.71 3.64 18.79
CA ILE A 125 6.15 3.39 18.89
C ILE A 125 6.65 2.62 17.67
N ALA A 126 5.97 1.53 17.32
CA ALA A 126 6.33 0.77 16.13
C ALA A 126 6.11 1.56 14.85
N GLY A 127 5.21 2.53 14.85
CA GLY A 127 5.00 3.40 13.72
C GLY A 127 6.02 4.51 13.57
N ASP A 128 7.13 4.43 14.32
CA ASP A 128 8.19 5.43 14.22
C ASP A 128 9.05 5.19 12.99
N SER A 129 9.78 4.08 13.00
CA SER A 129 10.81 3.81 12.00
C SER A 129 11.06 2.31 11.97
N THR A 130 11.89 1.88 11.02
CA THR A 130 12.27 0.48 10.93
C THR A 130 12.95 0.02 12.21
N MET A 131 13.74 0.89 12.82
CA MET A 131 14.47 0.50 14.03
C MET A 131 13.52 0.29 15.20
N CYS A 132 12.58 1.23 15.42
CA CYS A 132 11.60 1.05 16.48
C CYS A 132 10.68 -0.14 16.18
N ARG A 133 10.27 -0.30 14.92
CA ARG A 133 9.43 -1.43 14.54
C ARG A 133 10.11 -2.75 14.89
N ASP A 134 11.35 -2.92 14.45
CA ASP A 134 12.07 -4.17 14.72
C ASP A 134 12.38 -4.34 16.19
N TYR A 135 12.61 -3.24 16.92
CA TYR A 135 12.83 -3.35 18.36
C TYR A 135 11.58 -3.84 19.07
N VAL A 136 10.41 -3.32 18.70
CA VAL A 136 9.17 -3.79 19.29
C VAL A 136 8.91 -5.25 18.92
N LEU A 137 9.27 -5.65 17.69
CA LEU A 137 9.18 -7.06 17.33
C LEU A 137 10.09 -7.92 18.19
N ASP A 138 11.31 -7.44 18.49
CA ASP A 138 12.25 -8.21 19.29
C ASP A 138 11.80 -8.39 20.73
N CYS A 139 10.83 -7.61 21.19
CA CYS A 139 10.30 -7.75 22.54
C CYS A 139 9.12 -8.73 22.61
N ASN A 140 8.86 -9.48 21.52
CA ASN A 140 7.84 -10.53 21.48
C ASN A 140 6.44 -9.93 21.60
N ILE A 141 6.16 -8.93 20.76
CA ILE A 141 4.92 -8.17 20.93
C ILE A 141 3.73 -9.00 20.43
N LEU A 142 3.93 -9.74 19.34
CA LEU A 142 2.80 -10.34 18.64
C LEU A 142 2.19 -11.56 19.33
N PRO A 143 2.89 -12.37 20.13
CA PRO A 143 2.20 -13.47 20.81
C PRO A 143 1.12 -12.96 21.75
N PRO A 144 1.39 -11.96 22.61
CA PRO A 144 0.28 -11.38 23.39
C PRO A 144 -0.62 -10.48 22.58
N LEU A 145 -0.15 -9.91 21.48
CA LEU A 145 -0.99 -9.02 20.68
C LEU A 145 -2.06 -9.80 19.92
N LEU A 146 -1.72 -11.00 19.43
CA LEU A 146 -2.63 -11.78 18.61
C LEU A 146 -3.73 -12.43 19.43
N GLN A 147 -3.45 -12.81 20.68
CA GLN A 147 -4.49 -13.33 21.55
C GLN A 147 -5.58 -12.29 21.82
N LEU A 148 -5.29 -11.00 21.59
CA LEU A 148 -6.28 -9.97 21.84
C LEU A 148 -7.48 -10.11 20.90
N PHE A 149 -7.29 -10.70 19.72
CA PHE A 149 -8.39 -10.91 18.80
C PHE A 149 -9.32 -12.05 19.23
N SER A 150 -8.86 -12.91 20.14
CA SER A 150 -9.73 -13.98 20.62
C SER A 150 -10.99 -13.45 21.28
N LYS A 151 -10.90 -12.24 21.84
CA LYS A 151 -12.07 -11.57 22.41
C LYS A 151 -12.69 -10.68 21.35
N GLN A 152 -13.71 -11.20 20.65
CA GLN A 152 -14.48 -10.40 19.71
C GLN A 152 -15.48 -9.48 20.38
N ASN A 153 -15.32 -9.24 21.69
CA ASN A 153 -16.30 -8.48 22.44
C ASN A 153 -16.18 -6.98 22.16
N ARG A 154 -14.98 -6.43 22.24
CA ARG A 154 -14.75 -5.00 22.10
C ARG A 154 -14.31 -4.66 20.68
N LEU A 155 -14.80 -3.54 20.18
CA LEU A 155 -14.50 -3.07 18.83
C LEU A 155 -13.28 -2.15 18.79
N THR A 156 -13.29 -1.11 19.64
CA THR A 156 -12.16 -0.19 19.72
C THR A 156 -10.84 -0.94 19.89
N MET A 157 -10.86 -2.01 20.69
CA MET A 157 -9.65 -2.79 20.91
C MET A 157 -9.21 -3.50 19.64
N THR A 158 -10.16 -4.10 18.91
CA THR A 158 -9.80 -4.80 17.68
C THR A 158 -9.24 -3.82 16.64
N ARG A 159 -9.81 -2.62 16.56
CA ARG A 159 -9.28 -1.59 15.68
C ARG A 159 -7.85 -1.25 16.04
N ASN A 160 -7.60 -0.93 17.32
CA ASN A 160 -6.26 -0.59 17.75
C ASN A 160 -5.27 -1.73 17.47
N ALA A 161 -5.72 -2.97 17.64
CA ALA A 161 -4.86 -4.13 17.45
C ALA A 161 -4.47 -4.29 15.98
N VAL A 162 -5.45 -4.23 15.07
CA VAL A 162 -5.11 -4.38 13.65
C VAL A 162 -4.23 -3.23 13.18
N TRP A 163 -4.44 -2.03 13.71
CA TRP A 163 -3.60 -0.91 13.32
C TRP A 163 -2.16 -1.10 13.79
N ALA A 164 -1.98 -1.55 15.04
CA ALA A 164 -0.64 -1.86 15.52
C ALA A 164 0.01 -2.95 14.68
N LEU A 165 -0.78 -3.96 14.28
CA LEU A 165 -0.26 -5.00 13.39
C LEU A 165 0.23 -4.41 12.07
N SER A 166 -0.56 -3.52 11.47
CA SER A 166 -0.16 -2.87 10.24
C SER A 166 1.16 -2.14 10.41
N ASN A 167 1.35 -1.48 11.56
CA ASN A 167 2.64 -0.83 11.82
C ASN A 167 3.76 -1.85 11.91
N LEU A 168 3.50 -3.00 12.52
CA LEU A 168 4.52 -4.04 12.63
C LEU A 168 4.92 -4.59 11.27
N CYS A 169 3.98 -4.63 10.32
CA CYS A 169 4.29 -5.06 8.96
C CYS A 169 4.80 -3.93 8.08
N ARG A 170 4.66 -2.69 8.52
CA ARG A 170 4.96 -1.53 7.68
C ARG A 170 6.47 -1.39 7.49
N GLY A 171 6.85 -0.77 6.38
CA GLY A 171 8.26 -0.52 6.13
C GLY A 171 8.88 -1.47 5.12
N LYS A 172 9.59 -0.91 4.13
CA LYS A 172 10.30 -1.70 3.13
C LYS A 172 11.79 -1.40 3.04
N SER A 173 12.30 -0.48 3.84
CA SER A 173 13.70 -0.06 3.78
C SER A 173 14.27 -0.02 5.20
N PRO A 174 14.64 -1.17 5.77
CA PRO A 174 14.43 -2.50 5.21
C PRO A 174 13.14 -3.13 5.70
N PRO A 175 12.68 -4.17 5.03
CA PRO A 175 11.46 -4.86 5.46
C PRO A 175 11.68 -5.50 6.81
N PRO A 176 10.61 -5.72 7.59
CA PRO A 176 10.77 -6.47 8.85
C PRO A 176 11.20 -7.89 8.55
N GLU A 177 11.78 -8.53 9.57
CA GLU A 177 12.08 -9.96 9.45
C GLU A 177 10.79 -10.70 9.18
N PHE A 178 10.73 -11.39 8.03
CA PHE A 178 9.46 -11.97 7.59
C PHE A 178 9.02 -13.07 8.54
N ALA A 179 9.95 -13.89 9.01
CA ALA A 179 9.56 -14.92 9.97
C ALA A 179 9.06 -14.32 11.27
N LYS A 180 9.41 -13.07 11.56
CA LYS A 180 9.02 -12.48 12.84
C LYS A 180 7.56 -12.02 12.81
N VAL A 181 7.05 -11.62 11.65
CA VAL A 181 5.71 -11.05 11.52
C VAL A 181 4.79 -11.93 10.70
N SER A 182 5.31 -12.97 10.05
CA SER A 182 4.48 -13.87 9.26
C SER A 182 3.39 -14.58 10.08
N PRO A 183 3.60 -14.99 11.34
CA PRO A 183 2.54 -15.70 12.07
C PRO A 183 1.22 -14.92 12.23
N CYS A 184 1.14 -13.66 11.79
CA CYS A 184 -0.12 -12.91 11.86
C CYS A 184 -0.98 -13.11 10.62
N LEU A 185 -0.55 -13.94 9.69
CA LEU A 185 -1.26 -14.09 8.42
C LEU A 185 -2.63 -14.73 8.64
N ASN A 186 -2.71 -15.75 9.49
CA ASN A 186 -3.98 -16.46 9.69
C ASN A 186 -5.02 -15.56 10.34
N VAL A 187 -4.60 -14.79 11.37
CA VAL A 187 -5.53 -13.91 12.04
C VAL A 187 -6.02 -12.84 11.09
N LEU A 188 -5.12 -12.31 10.23
CA LEU A 188 -5.60 -11.40 9.19
C LEU A 188 -6.59 -12.09 8.25
N SER A 189 -6.28 -13.34 7.89
CA SER A 189 -7.07 -14.11 6.95
C SER A 189 -8.53 -14.17 7.38
N TRP A 190 -8.78 -14.48 8.64
CA TRP A 190 -10.17 -14.44 9.10
C TRP A 190 -10.60 -13.06 9.60
N LEU A 191 -9.70 -12.08 9.66
CA LEU A 191 -10.09 -10.71 9.97
C LEU A 191 -10.69 -9.99 8.77
N LEU A 192 -10.53 -10.53 7.57
CA LEU A 192 -11.20 -9.88 6.45
C LEU A 192 -12.72 -10.08 6.41
N PHE A 193 -13.29 -10.99 7.23
CA PHE A 193 -14.74 -11.22 7.19
C PHE A 193 -15.49 -10.41 8.25
N VAL A 194 -14.87 -9.38 8.81
CA VAL A 194 -15.49 -8.55 9.83
C VAL A 194 -16.38 -7.51 9.16
N SER A 195 -17.26 -6.89 9.96
CA SER A 195 -18.19 -5.88 9.46
C SER A 195 -17.63 -4.47 9.48
N ASP A 196 -16.81 -4.13 10.47
CA ASP A 196 -16.35 -2.76 10.63
C ASP A 196 -15.39 -2.37 9.50
N THR A 197 -15.54 -1.13 9.02
CA THR A 197 -14.72 -0.65 7.91
C THR A 197 -13.29 -0.33 8.34
N ASP A 198 -13.11 0.22 9.54
CA ASP A 198 -11.76 0.55 9.99
C ASP A 198 -10.90 -0.70 10.15
N VAL A 199 -11.46 -1.75 10.75
CA VAL A 199 -10.72 -2.99 10.92
C VAL A 199 -10.39 -3.60 9.56
N LEU A 200 -11.35 -3.56 8.63
CA LEU A 200 -11.11 -4.07 7.29
C LEU A 200 -10.01 -3.29 6.59
N ALA A 201 -10.03 -1.96 6.74
CA ALA A 201 -9.04 -1.11 6.07
C ALA A 201 -7.64 -1.40 6.59
N ASP A 202 -7.48 -1.44 7.92
CA ASP A 202 -6.14 -1.68 8.47
C ASP A 202 -5.68 -3.11 8.25
N ALA A 203 -6.62 -4.07 8.24
CA ALA A 203 -6.25 -5.44 7.88
C ALA A 203 -5.75 -5.51 6.45
N CYS A 204 -6.44 -4.84 5.53
CA CYS A 204 -5.99 -4.80 4.14
C CYS A 204 -4.64 -4.11 4.01
N TRP A 205 -4.39 -3.09 4.83
CA TRP A 205 -3.08 -2.43 4.83
C TRP A 205 -1.97 -3.40 5.27
N ALA A 206 -2.22 -4.15 6.35
CA ALA A 206 -1.25 -5.14 6.79
C ALA A 206 -0.96 -6.15 5.69
N LEU A 207 -2.03 -6.63 5.03
CA LEU A 207 -1.86 -7.58 3.93
C LEU A 207 -1.09 -6.95 2.77
N SER A 208 -1.34 -5.66 2.51
CA SER A 208 -0.65 -4.97 1.42
C SER A 208 0.84 -4.84 1.71
N TYR A 209 1.20 -4.61 2.97
CA TYR A 209 2.62 -4.54 3.32
C TYR A 209 3.27 -5.91 3.21
N LEU A 210 2.60 -6.95 3.73
CA LEU A 210 3.19 -8.29 3.67
C LEU A 210 3.32 -8.80 2.24
N SER A 211 2.49 -8.30 1.34
CA SER A 211 2.52 -8.75 -0.05
C SER A 211 3.57 -8.02 -0.89
N ASP A 212 4.22 -7.00 -0.35
CA ASP A 212 5.24 -6.25 -1.08
C ASP A 212 6.58 -6.95 -0.85
N GLY A 213 7.01 -7.74 -1.83
CA GLY A 213 8.26 -8.47 -1.72
C GLY A 213 8.40 -9.54 -2.80
N PRO A 214 9.36 -10.44 -2.62
CA PRO A 214 9.56 -11.50 -3.61
C PRO A 214 8.39 -12.47 -3.65
N ASN A 215 8.39 -13.28 -4.70
CA ASN A 215 7.32 -14.27 -4.90
C ASN A 215 7.13 -15.18 -3.69
N ASP A 216 8.15 -15.30 -2.83
CA ASP A 216 8.04 -16.15 -1.65
C ASP A 216 7.06 -15.55 -0.64
N LYS A 217 7.18 -14.25 -0.36
CA LYS A 217 6.29 -13.61 0.60
C LYS A 217 4.86 -13.57 0.10
N ILE A 218 4.67 -13.23 -1.18
CA ILE A 218 3.32 -13.24 -1.74
C ILE A 218 2.77 -14.65 -1.79
N GLN A 219 3.64 -15.66 -1.95
CA GLN A 219 3.17 -17.04 -1.91
C GLN A 219 2.70 -17.41 -0.51
N ALA A 220 3.39 -16.92 0.51
CA ALA A 220 2.94 -17.15 1.88
C ALA A 220 1.55 -16.54 2.11
N VAL A 221 1.38 -15.27 1.74
CA VAL A 221 0.08 -14.65 1.99
C VAL A 221 -1.01 -15.30 1.12
N ILE A 222 -0.66 -15.82 -0.05
CA ILE A 222 -1.61 -16.61 -0.83
C ILE A 222 -1.99 -17.88 -0.08
N ASP A 223 -1.00 -18.57 0.49
CA ASP A 223 -1.27 -19.74 1.30
C ASP A 223 -2.09 -19.42 2.54
N ALA A 224 -2.22 -18.15 2.89
CA ALA A 224 -3.15 -17.77 3.96
C ALA A 224 -4.61 -17.76 3.52
N GLY A 225 -4.88 -17.73 2.22
CA GLY A 225 -6.25 -17.82 1.72
C GLY A 225 -7.06 -16.54 1.85
N VAL A 226 -6.57 -15.45 1.27
CA VAL A 226 -7.21 -14.15 1.40
C VAL A 226 -7.56 -13.52 0.06
N CYS A 227 -7.08 -14.06 -1.07
CA CYS A 227 -7.29 -13.41 -2.35
C CYS A 227 -8.78 -13.23 -2.65
N ARG A 228 -9.59 -14.24 -2.33
CA ARG A 228 -11.02 -14.16 -2.61
C ARG A 228 -11.67 -13.00 -1.86
N ARG A 229 -11.39 -12.89 -0.56
CA ARG A 229 -12.01 -11.81 0.21
C ARG A 229 -11.44 -10.46 -0.19
N LEU A 230 -10.17 -10.41 -0.56
CA LEU A 230 -9.59 -9.16 -1.07
C LEU A 230 -10.36 -8.66 -2.29
N VAL A 231 -10.55 -9.53 -3.28
CA VAL A 231 -11.26 -9.10 -4.49
C VAL A 231 -12.71 -8.77 -4.17
N GLU A 232 -13.32 -9.49 -3.21
CA GLU A 232 -14.66 -9.14 -2.78
C GLU A 232 -14.70 -7.77 -2.14
N LEU A 233 -13.58 -7.34 -1.54
CA LEU A 233 -13.49 -6.01 -0.95
C LEU A 233 -13.16 -4.94 -1.98
N LEU A 234 -12.68 -5.32 -3.17
CA LEU A 234 -12.53 -4.33 -4.24
C LEU A 234 -13.83 -3.57 -4.49
N MET A 235 -14.98 -4.22 -4.28
CA MET A 235 -16.28 -3.61 -4.47
C MET A 235 -16.85 -2.98 -3.21
N HIS A 236 -16.03 -2.77 -2.18
CA HIS A 236 -16.49 -2.14 -0.95
C HIS A 236 -16.96 -0.71 -1.25
N ASN A 237 -17.93 -0.24 -0.45
CA ASN A 237 -18.48 1.08 -0.69
C ASN A 237 -17.57 2.19 -0.18
N ASP A 238 -16.82 1.94 0.88
CA ASP A 238 -15.95 2.94 1.47
C ASP A 238 -14.55 2.80 0.87
N TYR A 239 -14.01 3.91 0.36
CA TYR A 239 -12.71 3.86 -0.31
C TYR A 239 -11.57 3.61 0.66
N LYS A 240 -11.77 3.87 1.96
CA LYS A 240 -10.78 3.50 2.96
C LYS A 240 -10.46 2.02 2.91
N VAL A 241 -11.38 1.21 2.41
CA VAL A 241 -11.18 -0.22 2.27
C VAL A 241 -10.69 -0.58 0.87
N VAL A 242 -11.18 0.12 -0.15
CA VAL A 242 -10.87 -0.26 -1.53
C VAL A 242 -9.42 0.06 -1.88
N SER A 243 -8.92 1.20 -1.39
CA SER A 243 -7.53 1.57 -1.69
C SER A 243 -6.53 0.48 -1.26
N PRO A 244 -6.48 0.06 0.01
CA PRO A 244 -5.49 -0.95 0.38
C PRO A 244 -5.79 -2.34 -0.17
N ALA A 245 -7.07 -2.68 -0.38
CA ALA A 245 -7.39 -3.97 -0.99
C ALA A 245 -6.89 -4.03 -2.43
N LEU A 246 -7.12 -2.95 -3.20
CA LEU A 246 -6.57 -2.87 -4.53
C LEU A 246 -5.05 -2.95 -4.50
N ARG A 247 -4.42 -2.30 -3.52
CA ARG A 247 -2.97 -2.37 -3.42
C ARG A 247 -2.48 -3.79 -3.16
N ALA A 248 -3.15 -4.51 -2.27
CA ALA A 248 -2.74 -5.88 -1.96
C ALA A 248 -2.89 -6.79 -3.18
N VAL A 249 -4.01 -6.67 -3.90
CA VAL A 249 -4.20 -7.47 -5.10
C VAL A 249 -3.14 -7.13 -6.15
N GLY A 250 -2.86 -5.84 -6.33
CA GLY A 250 -1.84 -5.42 -7.26
C GLY A 250 -0.46 -5.92 -6.89
N ASN A 251 -0.21 -6.10 -5.58
CA ASN A 251 1.04 -6.70 -5.14
C ASN A 251 1.10 -8.18 -5.51
N ILE A 252 0.01 -8.91 -5.26
CA ILE A 252 0.00 -10.33 -5.58
C ILE A 252 0.24 -10.55 -7.07
N VAL A 253 -0.34 -9.69 -7.92
CA VAL A 253 -0.19 -9.90 -9.36
C VAL A 253 1.19 -9.51 -9.86
N THR A 254 2.10 -9.19 -8.94
CA THR A 254 3.50 -8.98 -9.29
C THR A 254 4.30 -10.28 -9.30
N GLY A 255 3.66 -11.42 -9.06
CA GLY A 255 4.33 -12.70 -9.03
C GLY A 255 4.35 -13.38 -10.38
N ASP A 256 4.52 -14.70 -10.35
CA ASP A 256 4.56 -15.49 -11.57
C ASP A 256 3.14 -15.78 -12.05
N ASP A 257 3.05 -16.50 -13.17
CA ASP A 257 1.76 -16.73 -13.81
C ASP A 257 0.81 -17.52 -12.90
N ILE A 258 1.35 -18.48 -12.14
CA ILE A 258 0.49 -19.33 -11.31
C ILE A 258 -0.18 -18.49 -10.22
N GLN A 259 0.59 -17.64 -9.55
CA GLN A 259 0.03 -16.87 -8.44
C GLN A 259 -0.82 -15.68 -8.88
N THR A 260 -0.60 -15.14 -10.07
CA THR A 260 -1.54 -14.13 -10.59
C THR A 260 -2.80 -14.79 -11.14
N GLN A 261 -2.64 -15.96 -11.76
CA GLN A 261 -3.78 -16.78 -12.15
C GLN A 261 -4.66 -17.08 -10.95
N VAL A 262 -4.07 -17.21 -9.76
CA VAL A 262 -4.87 -17.34 -8.55
C VAL A 262 -5.82 -16.16 -8.40
N ILE A 263 -5.32 -14.93 -8.60
CA ILE A 263 -6.18 -13.75 -8.51
C ILE A 263 -7.25 -13.79 -9.60
N LEU A 264 -6.86 -14.16 -10.82
CA LEU A 264 -7.82 -14.20 -11.92
C LEU A 264 -8.95 -15.18 -11.65
N ASN A 265 -8.62 -16.33 -11.03
CA ASN A 265 -9.63 -17.35 -10.74
C ASN A 265 -10.66 -16.86 -9.73
N CYS A 266 -10.38 -15.78 -9.01
CA CYS A 266 -11.37 -15.17 -8.11
C CYS A 266 -12.33 -14.23 -8.83
N SER A 267 -12.24 -14.15 -10.17
CA SER A 267 -13.05 -13.22 -10.97
C SER A 267 -12.83 -11.78 -10.53
N ALA A 268 -11.56 -11.36 -10.58
CA ALA A 268 -11.18 -10.01 -10.16
C ALA A 268 -11.24 -8.99 -11.28
N LEU A 269 -10.99 -9.40 -12.53
CA LEU A 269 -11.04 -8.48 -13.65
C LEU A 269 -12.39 -7.80 -13.75
N GLN A 270 -13.46 -8.53 -13.41
CA GLN A 270 -14.81 -7.96 -13.45
C GLN A 270 -14.90 -6.70 -12.59
N SER A 271 -14.38 -6.77 -11.36
CA SER A 271 -14.44 -5.63 -10.46
C SER A 271 -13.38 -4.58 -10.77
N LEU A 272 -12.23 -5.01 -11.31
CA LEU A 272 -11.23 -4.04 -11.75
C LEU A 272 -11.78 -3.14 -12.86
N LEU A 273 -12.61 -3.71 -13.73
CA LEU A 273 -13.25 -2.89 -14.75
C LEU A 273 -14.11 -1.79 -14.12
N HIS A 274 -14.87 -2.12 -13.08
CA HIS A 274 -15.63 -1.11 -12.36
C HIS A 274 -14.71 -0.05 -11.77
N LEU A 275 -13.58 -0.48 -11.19
CA LEU A 275 -12.64 0.47 -10.59
C LEU A 275 -11.95 1.34 -11.63
N LEU A 276 -11.96 0.93 -12.89
CA LEU A 276 -11.44 1.80 -13.95
C LEU A 276 -12.32 3.03 -14.20
N SER A 277 -13.51 3.09 -13.62
CA SER A 277 -14.39 4.25 -13.75
C SER A 277 -14.56 5.01 -12.44
N SER A 278 -13.82 4.63 -11.40
CA SER A 278 -13.99 5.26 -10.10
C SER A 278 -13.59 6.74 -10.17
N PRO A 279 -14.31 7.61 -9.47
CA PRO A 279 -13.95 9.04 -9.49
C PRO A 279 -12.55 9.32 -8.96
N LYS A 280 -12.07 8.55 -8.00
CA LYS A 280 -10.74 8.76 -7.46
C LYS A 280 -9.68 8.32 -8.46
N GLU A 281 -8.84 9.25 -8.90
CA GLU A 281 -7.77 8.93 -9.85
C GLU A 281 -6.74 8.00 -9.25
N SER A 282 -6.59 7.99 -7.92
CA SER A 282 -5.70 7.03 -7.28
C SER A 282 -6.12 5.60 -7.60
N ILE A 283 -7.42 5.32 -7.50
CA ILE A 283 -7.91 3.97 -7.76
C ILE A 283 -7.81 3.63 -9.23
N LYS A 284 -8.13 4.58 -10.11
CA LYS A 284 -7.94 4.38 -11.55
C LYS A 284 -6.50 3.99 -11.85
N LYS A 285 -5.54 4.72 -11.25
CA LYS A 285 -4.13 4.46 -11.50
C LYS A 285 -3.73 3.07 -11.03
N GLU A 286 -4.06 2.73 -9.78
CA GLU A 286 -3.64 1.43 -9.25
C GLU A 286 -4.33 0.28 -9.97
N ALA A 287 -5.57 0.49 -10.45
CA ALA A 287 -6.22 -0.54 -11.25
C ALA A 287 -5.53 -0.73 -12.60
N CYS A 288 -5.17 0.38 -13.25
CA CYS A 288 -4.39 0.28 -14.48
C CYS A 288 -3.08 -0.46 -14.25
N TRP A 289 -2.43 -0.22 -13.10
CA TRP A 289 -1.17 -0.89 -12.79
C TRP A 289 -1.36 -2.39 -12.58
N THR A 290 -2.36 -2.76 -11.77
CA THR A 290 -2.75 -4.15 -11.60
C THR A 290 -2.95 -4.83 -12.95
N ILE A 291 -3.68 -4.16 -13.85
CA ILE A 291 -4.01 -4.76 -15.15
C ILE A 291 -2.77 -4.87 -16.02
N SER A 292 -1.86 -3.91 -15.92
CA SER A 292 -0.62 -3.99 -16.69
C SER A 292 0.19 -5.22 -16.28
N ASN A 293 0.34 -5.42 -14.97
CA ASN A 293 1.02 -6.62 -14.49
C ASN A 293 0.32 -7.88 -15.01
N ILE A 294 -1.01 -7.89 -15.00
CA ILE A 294 -1.74 -9.05 -15.51
C ILE A 294 -1.39 -9.30 -16.98
N THR A 295 -1.45 -8.24 -17.79
CA THR A 295 -1.18 -8.38 -19.22
C THR A 295 0.28 -8.63 -19.55
N ALA A 296 1.17 -8.63 -18.56
CA ALA A 296 2.55 -9.06 -18.80
C ALA A 296 2.72 -10.58 -18.78
N GLY A 297 1.65 -11.36 -18.71
CA GLY A 297 1.73 -12.79 -18.49
C GLY A 297 1.49 -13.62 -19.75
N ASN A 298 0.98 -14.83 -19.56
CA ASN A 298 0.77 -15.75 -20.66
C ASN A 298 -0.41 -15.29 -21.53
N ARG A 299 -0.60 -15.99 -22.65
CA ARG A 299 -1.64 -15.58 -23.59
C ARG A 299 -3.03 -15.79 -23.02
N ALA A 300 -3.19 -16.71 -22.07
CA ALA A 300 -4.50 -16.95 -21.47
C ALA A 300 -4.91 -15.81 -20.55
N GLN A 301 -3.96 -15.26 -19.79
CA GLN A 301 -4.28 -14.13 -18.92
C GLN A 301 -4.58 -12.88 -19.73
N ILE A 302 -3.83 -12.67 -20.81
CA ILE A 302 -4.16 -11.59 -21.74
C ILE A 302 -5.56 -11.79 -22.30
N GLN A 303 -5.89 -13.05 -22.63
CA GLN A 303 -7.19 -13.32 -23.24
C GLN A 303 -8.33 -13.08 -22.26
N THR A 304 -8.13 -13.41 -20.97
CA THR A 304 -9.20 -13.14 -20.02
C THR A 304 -9.34 -11.65 -19.74
N VAL A 305 -8.25 -10.89 -19.87
CA VAL A 305 -8.39 -9.43 -19.85
C VAL A 305 -9.21 -8.96 -21.05
N ILE A 306 -8.98 -9.56 -22.22
CA ILE A 306 -9.74 -9.20 -23.42
C ILE A 306 -11.22 -9.51 -23.22
N ASP A 307 -11.53 -10.74 -22.83
CA ASP A 307 -12.90 -11.20 -22.64
C ASP A 307 -13.61 -10.49 -21.50
N ALA A 308 -12.89 -9.72 -20.69
CA ALA A 308 -13.50 -8.88 -19.67
C ALA A 308 -13.83 -7.49 -20.19
N ASN A 309 -13.52 -7.20 -21.46
CA ASN A 309 -13.77 -5.89 -22.06
C ASN A 309 -13.04 -4.79 -21.30
N ILE A 310 -11.76 -5.01 -21.04
CA ILE A 310 -10.94 -4.03 -20.33
C ILE A 310 -10.30 -3.04 -21.30
N PHE A 311 -9.77 -3.53 -22.42
CA PHE A 311 -9.06 -2.66 -23.35
C PHE A 311 -9.89 -1.49 -23.89
N PRO A 312 -11.22 -1.59 -24.09
CA PRO A 312 -11.98 -0.36 -24.36
C PRO A 312 -11.77 0.70 -23.29
N ALA A 313 -11.86 0.30 -22.02
CA ALA A 313 -11.69 1.25 -20.93
C ALA A 313 -10.25 1.76 -20.84
N LEU A 314 -9.27 0.91 -21.13
CA LEU A 314 -7.88 1.35 -21.11
C LEU A 314 -7.61 2.36 -22.22
N ILE A 315 -8.18 2.14 -23.41
CA ILE A 315 -8.03 3.09 -24.50
C ILE A 315 -8.70 4.42 -24.17
N SER A 316 -9.90 4.35 -23.57
CA SER A 316 -10.57 5.57 -23.12
C SER A 316 -9.72 6.32 -22.09
N ILE A 317 -9.26 5.61 -21.06
CA ILE A 317 -8.42 6.21 -20.03
C ILE A 317 -7.17 6.81 -20.65
N LEU A 318 -6.61 6.14 -21.65
CA LEU A 318 -5.42 6.66 -22.31
C LEU A 318 -5.71 7.95 -23.05
N GLN A 319 -6.94 8.09 -23.55
CA GLN A 319 -7.27 9.31 -24.28
C GLN A 319 -7.54 10.48 -23.34
N THR A 320 -8.22 10.25 -22.20
CA THR A 320 -8.74 11.38 -21.42
C THR A 320 -8.22 11.50 -19.99
N ALA A 321 -7.47 10.54 -19.46
CA ALA A 321 -7.15 10.59 -18.04
C ALA A 321 -5.95 11.51 -17.78
N GLU A 322 -5.64 11.70 -16.50
CA GLU A 322 -4.42 12.39 -16.10
C GLU A 322 -3.21 11.57 -16.52
N PHE A 323 -2.06 12.25 -16.64
CA PHE A 323 -0.87 11.59 -17.17
C PHE A 323 -0.41 10.45 -16.26
N ARG A 324 -0.48 10.65 -14.94
CA ARG A 324 -0.09 9.61 -14.00
C ARG A 324 -0.84 8.31 -14.26
N THR A 325 -2.13 8.41 -14.60
CA THR A 325 -2.94 7.24 -14.89
C THR A 325 -2.67 6.70 -16.30
N ARG A 326 -2.61 7.61 -17.28
CA ARG A 326 -2.33 7.23 -18.66
C ARG A 326 -1.06 6.40 -18.76
N LYS A 327 -0.07 6.68 -17.92
CA LYS A 327 1.16 5.87 -17.94
C LYS A 327 0.85 4.39 -17.73
N GLU A 328 0.13 4.08 -16.66
CA GLU A 328 -0.13 2.68 -16.35
C GLU A 328 -1.03 2.05 -17.40
N ALA A 329 -1.97 2.82 -17.96
CA ALA A 329 -2.79 2.30 -19.06
C ALA A 329 -1.92 1.94 -20.27
N ALA A 330 -0.95 2.82 -20.60
CA ALA A 330 -0.06 2.55 -21.71
C ALA A 330 0.78 1.30 -21.47
N TRP A 331 1.27 1.14 -20.24
CA TRP A 331 2.00 -0.09 -19.90
C TRP A 331 1.12 -1.32 -20.08
N ALA A 332 -0.15 -1.21 -19.70
CA ALA A 332 -1.08 -2.33 -19.87
C ALA A 332 -1.14 -2.77 -21.33
N ILE A 333 -1.47 -1.84 -22.23
CA ILE A 333 -1.65 -2.25 -23.62
C ILE A 333 -0.32 -2.65 -24.25
N THR A 334 0.79 -2.01 -23.85
CA THR A 334 2.09 -2.38 -24.38
C THR A 334 2.46 -3.80 -23.97
N ASN A 335 2.29 -4.13 -22.68
CA ASN A 335 2.53 -5.49 -22.21
C ASN A 335 1.69 -6.50 -22.98
N ALA A 336 0.42 -6.16 -23.25
CA ALA A 336 -0.41 -7.04 -24.05
C ALA A 336 0.15 -7.22 -25.45
N THR A 337 0.80 -6.18 -26.00
CA THR A 337 1.40 -6.30 -27.32
C THR A 337 2.73 -7.06 -27.33
N SER A 338 3.42 -7.13 -26.19
CA SER A 338 4.71 -7.82 -26.15
C SER A 338 4.54 -9.33 -26.26
N GLY A 339 3.77 -9.93 -25.36
CA GLY A 339 3.59 -11.37 -25.37
C GLY A 339 2.17 -11.79 -25.71
N GLY A 340 1.63 -11.27 -26.80
CA GLY A 340 0.27 -11.57 -27.18
C GLY A 340 0.15 -12.35 -28.47
N SER A 341 -0.98 -13.02 -28.66
CA SER A 341 -1.23 -13.75 -29.89
C SER A 341 -1.33 -12.79 -31.08
N ALA A 342 -1.12 -13.36 -32.27
CA ALA A 342 -1.26 -12.56 -33.49
C ALA A 342 -2.67 -12.04 -33.66
N GLU A 343 -3.66 -12.74 -33.09
CA GLU A 343 -5.04 -12.30 -33.17
C GLU A 343 -5.40 -11.32 -32.07
N GLN A 344 -4.74 -11.41 -30.91
CA GLN A 344 -5.07 -10.53 -29.78
C GLN A 344 -4.67 -9.09 -30.08
N ILE A 345 -3.46 -8.87 -30.57
CA ILE A 345 -3.06 -7.51 -30.97
C ILE A 345 -3.93 -7.02 -32.10
N LYS A 346 -4.43 -7.93 -32.93
CA LYS A 346 -5.33 -7.54 -34.00
C LYS A 346 -6.59 -6.95 -33.40
N TYR A 347 -7.12 -7.61 -32.37
CA TYR A 347 -8.23 -7.04 -31.61
C TYR A 347 -7.86 -5.67 -31.07
N LEU A 348 -6.62 -5.51 -30.61
CA LEU A 348 -6.20 -4.21 -30.07
C LEU A 348 -6.23 -3.11 -31.13
N VAL A 349 -5.62 -3.36 -32.29
CA VAL A 349 -5.60 -2.34 -33.35
C VAL A 349 -7.00 -2.12 -33.92
N GLU A 350 -7.81 -3.18 -33.97
CA GLU A 350 -9.22 -3.03 -34.31
C GLU A 350 -9.90 -2.04 -33.38
N LEU A 351 -9.66 -2.19 -32.07
CA LEU A 351 -10.17 -1.22 -31.10
C LEU A 351 -9.61 0.17 -31.32
N GLY A 352 -8.50 0.29 -32.04
CA GLY A 352 -7.90 1.59 -32.31
C GLY A 352 -6.97 2.07 -31.22
N CYS A 353 -5.92 1.28 -30.93
CA CYS A 353 -4.92 1.66 -29.95
C CYS A 353 -3.73 2.38 -30.57
N ILE A 354 -3.67 2.48 -31.90
CA ILE A 354 -2.53 3.12 -32.55
C ILE A 354 -2.50 4.62 -32.23
N LYS A 355 -3.64 5.29 -32.37
CA LYS A 355 -3.70 6.72 -32.09
C LYS A 355 -3.29 7.07 -30.67
N PRO A 356 -3.76 6.38 -29.62
CA PRO A 356 -3.27 6.72 -28.27
C PRO A 356 -1.76 6.57 -28.12
N LEU A 357 -1.21 5.44 -28.55
CA LEU A 357 0.24 5.22 -28.46
C LEU A 357 1.01 6.32 -29.18
N CYS A 358 0.57 6.67 -30.39
CA CYS A 358 1.22 7.75 -31.13
C CYS A 358 1.10 9.07 -30.37
N ASP A 359 -0.09 9.35 -29.82
CA ASP A 359 -0.29 10.57 -29.03
C ASP A 359 0.69 10.65 -27.87
N LEU A 360 1.17 9.50 -27.39
CA LEU A 360 2.08 9.49 -26.25
C LEU A 360 3.54 9.80 -26.62
N LEU A 361 3.86 10.03 -27.89
CA LEU A 361 5.26 10.20 -28.28
C LEU A 361 5.77 11.61 -28.02
N THR A 362 4.90 12.61 -28.04
CA THR A 362 5.29 14.01 -27.87
C THR A 362 5.43 14.42 -26.41
N VAL A 363 5.42 13.48 -25.48
CA VAL A 363 5.36 13.78 -24.06
C VAL A 363 6.77 13.92 -23.50
N MET A 364 6.85 14.52 -22.31
CA MET A 364 8.14 14.79 -21.68
C MET A 364 8.82 13.49 -21.25
N ASP A 365 8.09 12.61 -20.56
CA ASP A 365 8.69 11.42 -19.97
C ASP A 365 9.30 10.54 -21.06
N SER A 366 10.61 10.30 -20.94
CA SER A 366 11.34 9.54 -21.95
C SER A 366 11.01 8.05 -21.90
N LYS A 367 10.89 7.51 -20.68
CA LYS A 367 10.73 6.06 -20.53
C LYS A 367 9.44 5.56 -21.14
N ILE A 368 8.33 6.26 -20.91
CA ILE A 368 7.07 5.82 -21.49
C ILE A 368 7.01 6.16 -22.98
N VAL A 369 7.82 7.09 -23.46
CA VAL A 369 7.99 7.25 -24.90
C VAL A 369 8.59 5.98 -25.49
N GLN A 370 9.61 5.43 -24.82
CA GLN A 370 10.16 4.14 -25.26
C GLN A 370 9.11 3.04 -25.17
N VAL A 371 8.25 3.10 -24.14
CA VAL A 371 7.15 2.15 -24.01
C VAL A 371 6.27 2.17 -25.26
N ALA A 372 5.80 3.36 -25.61
CA ALA A 372 4.96 3.50 -26.80
C ALA A 372 5.70 3.06 -28.06
N LEU A 373 7.00 3.34 -28.11
CA LEU A 373 7.79 2.94 -29.28
C LEU A 373 7.82 1.43 -29.46
N ASN A 374 8.15 0.69 -28.40
CA ASN A 374 8.18 -0.76 -28.54
C ASN A 374 6.78 -1.35 -28.72
N GLY A 375 5.77 -0.72 -28.12
CA GLY A 375 4.40 -1.17 -28.33
C GLY A 375 3.95 -1.00 -29.77
N LEU A 376 4.43 0.04 -30.44
CA LEU A 376 4.19 0.20 -31.87
C LEU A 376 5.06 -0.76 -32.69
N GLU A 377 6.29 -1.00 -32.24
CA GLU A 377 7.18 -1.89 -32.99
C GLU A 377 6.68 -3.33 -32.94
N ASN A 378 6.02 -3.75 -31.86
CA ASN A 378 5.38 -5.06 -31.86
C ASN A 378 4.32 -5.15 -32.94
N ILE A 379 3.50 -4.09 -33.07
CA ILE A 379 2.46 -4.08 -34.08
C ILE A 379 3.08 -4.07 -35.48
N LEU A 380 4.14 -3.28 -35.66
CA LEU A 380 4.84 -3.22 -36.94
C LEU A 380 5.47 -4.55 -37.30
N ARG A 381 6.13 -5.20 -36.34
CA ARG A 381 6.76 -6.50 -36.59
C ARG A 381 5.70 -7.56 -36.90
N LEU A 382 4.62 -7.62 -36.12
CA LEU A 382 3.52 -8.52 -36.46
C LEU A 382 2.97 -8.23 -37.83
N GLY A 383 2.70 -6.97 -38.13
CA GLY A 383 2.21 -6.61 -39.45
C GLY A 383 3.18 -7.03 -40.55
N GLU A 384 4.48 -6.90 -40.29
CA GLU A 384 5.45 -7.41 -41.25
C GLU A 384 5.39 -8.93 -41.32
N GLN A 385 5.04 -9.59 -40.22
CA GLN A 385 4.97 -11.06 -40.25
C GLN A 385 3.75 -11.52 -41.02
N GLU A 386 2.66 -10.76 -40.90
CA GLU A 386 1.48 -10.95 -41.72
C GLU A 386 1.80 -10.67 -43.20
N ALA A 387 2.60 -9.63 -43.45
CA ALA A 387 3.13 -9.39 -44.78
C ALA A 387 4.07 -10.51 -45.23
N LYS A 388 4.72 -11.22 -44.30
CA LYS A 388 5.60 -12.32 -44.65
C LYS A 388 4.81 -13.44 -45.30
N ARG A 389 3.59 -13.68 -44.80
CA ARG A 389 2.65 -14.53 -45.51
C ARG A 389 2.59 -14.17 -47.00
N ASN A 390 2.64 -12.87 -47.32
CA ASN A 390 2.75 -12.34 -48.68
C ASN A 390 1.49 -12.50 -49.52
N GLY A 391 0.34 -12.74 -48.87
CA GLY A 391 -0.94 -12.52 -49.54
C GLY A 391 -1.02 -11.11 -50.12
N THR A 392 -0.58 -10.11 -49.35
CA THR A 392 -0.42 -8.74 -49.85
C THR A 392 0.97 -8.29 -49.44
N GLY A 393 1.68 -7.63 -50.35
CA GLY A 393 3.06 -7.30 -50.09
C GLY A 393 3.23 -6.25 -49.02
N ILE A 394 2.37 -5.23 -49.03
CA ILE A 394 2.54 -4.07 -48.17
C ILE A 394 2.10 -4.41 -46.75
N ASN A 395 2.78 -3.83 -45.79
CA ASN A 395 2.42 -3.95 -44.38
C ASN A 395 1.14 -3.16 -44.12
N PRO A 396 0.06 -3.79 -43.66
CA PRO A 396 -1.20 -3.05 -43.49
C PRO A 396 -1.16 -1.97 -42.43
N TYR A 397 -0.31 -2.11 -41.41
CA TYR A 397 -0.30 -1.16 -40.30
C TYR A 397 0.54 0.08 -40.59
N CYS A 398 1.40 0.04 -41.62
CA CYS A 398 2.19 1.22 -41.95
C CYS A 398 1.31 2.36 -42.43
N ALA A 399 0.13 2.06 -42.97
CA ALA A 399 -0.84 3.08 -43.34
C ALA A 399 -1.69 3.52 -42.16
N LEU A 400 -2.05 2.59 -41.28
CA LEU A 400 -2.85 2.94 -40.11
C LEU A 400 -2.08 3.83 -39.15
N ILE A 401 -0.77 3.61 -39.02
CA ILE A 401 0.02 4.49 -38.15
C ILE A 401 0.26 5.84 -38.82
N GLU A 402 0.27 5.88 -40.15
CA GLU A 402 0.44 7.14 -40.86
C GLU A 402 -0.83 7.99 -40.79
N GLU A 403 -2.00 7.35 -40.87
CA GLU A 403 -3.26 8.07 -40.77
C GLU A 403 -3.42 8.72 -39.40
N ALA A 404 -2.78 8.17 -38.38
CA ALA A 404 -2.83 8.71 -37.03
C ALA A 404 -1.76 9.77 -36.77
N TYR A 405 -1.12 10.28 -37.83
CA TYR A 405 0.02 11.19 -37.70
C TYR A 405 1.12 10.57 -36.83
N GLY A 406 1.37 9.28 -37.02
CA GLY A 406 2.33 8.56 -36.22
C GLY A 406 3.77 8.76 -36.66
N LEU A 407 4.06 8.45 -37.93
CA LEU A 407 5.42 8.62 -38.43
C LEU A 407 5.88 10.07 -38.35
N ASP A 408 4.97 11.03 -38.36
CA ASP A 408 5.34 12.42 -38.11
C ASP A 408 6.05 12.56 -36.76
N LYS A 409 5.44 12.02 -35.71
CA LYS A 409 6.02 12.12 -34.38
C LYS A 409 7.25 11.24 -34.26
N ILE A 410 7.24 10.07 -34.91
CA ILE A 410 8.43 9.23 -34.91
C ILE A 410 9.61 9.97 -35.56
N GLU A 411 9.36 10.65 -36.68
CA GLU A 411 10.39 11.45 -37.33
C GLU A 411 10.90 12.54 -36.39
N PHE A 412 9.98 13.24 -35.71
CA PHE A 412 10.41 14.23 -34.73
C PHE A 412 11.29 13.61 -33.65
N LEU A 413 11.04 12.34 -33.31
CA LEU A 413 11.87 11.67 -32.31
C LEU A 413 13.31 11.44 -32.77
N GLN A 414 13.65 11.76 -34.02
CA GLN A 414 15.05 11.74 -34.42
C GLN A 414 15.84 12.78 -33.64
N SER A 415 15.34 14.02 -33.58
CA SER A 415 15.99 15.10 -32.86
C SER A 415 15.87 14.95 -31.35
N HIS A 416 15.34 13.84 -30.84
CA HIS A 416 15.21 13.67 -29.40
C HIS A 416 16.60 13.50 -28.77
N GLU A 417 16.75 14.07 -27.56
CA GLU A 417 18.05 14.05 -26.90
C GLU A 417 18.49 12.63 -26.59
N ASN A 418 17.58 11.81 -26.07
CA ASN A 418 17.93 10.45 -25.64
C ASN A 418 18.42 9.63 -26.83
N GLN A 419 19.61 9.04 -26.68
CA GLN A 419 20.19 8.25 -27.76
C GLN A 419 19.37 6.99 -28.05
N GLU A 420 18.86 6.36 -26.99
CA GLU A 420 18.03 5.17 -27.16
C GLU A 420 16.82 5.48 -28.04
N ILE A 421 16.09 6.55 -27.71
CA ILE A 421 14.89 6.92 -28.45
C ILE A 421 15.24 7.27 -29.90
N TYR A 422 16.26 8.12 -30.09
CA TYR A 422 16.66 8.54 -31.42
C TYR A 422 17.04 7.34 -32.29
N GLN A 423 17.91 6.47 -31.76
CA GLN A 423 18.35 5.30 -32.50
C GLN A 423 17.18 4.39 -32.84
N LYS A 424 16.25 4.21 -31.90
CA LYS A 424 15.11 3.33 -32.15
C LYS A 424 14.22 3.89 -33.25
N ALA A 425 13.98 5.20 -33.22
CA ALA A 425 13.20 5.84 -34.28
C ALA A 425 13.86 5.62 -35.65
N PHE A 426 15.19 5.74 -35.70
CA PHE A 426 15.89 5.51 -36.97
C PHE A 426 15.69 4.07 -37.45
N ASP A 427 15.89 3.10 -36.55
CA ASP A 427 15.71 1.70 -36.92
C ASP A 427 14.31 1.46 -37.48
N LEU A 428 13.29 2.02 -36.83
CA LEU A 428 11.91 1.80 -37.26
C LEU A 428 11.65 2.42 -38.62
N ILE A 429 12.06 3.68 -38.81
CA ILE A 429 11.76 4.35 -40.07
C ILE A 429 12.47 3.65 -41.23
N GLU A 430 13.66 3.11 -40.99
CA GLU A 430 14.35 2.40 -42.06
C GLU A 430 13.72 1.05 -42.34
N HIS A 431 13.40 0.29 -41.28
CA HIS A 431 12.94 -1.08 -41.47
C HIS A 431 11.51 -1.14 -42.02
N TYR A 432 10.66 -0.19 -41.65
CA TYR A 432 9.25 -0.27 -42.01
C TYR A 432 8.78 0.86 -42.92
N PHE A 433 9.68 1.74 -43.35
CA PHE A 433 9.30 2.84 -44.24
C PHE A 433 10.39 3.14 -45.26
N ARG B 3 8.46 -11.62 -14.44
CA ARG B 3 9.58 -11.28 -15.32
C ARG B 3 9.42 -9.88 -15.89
N VAL B 4 8.34 -9.67 -16.67
CA VAL B 4 8.01 -8.33 -17.15
C VAL B 4 7.27 -7.52 -16.10
N LYS B 5 7.07 -8.07 -14.90
CA LYS B 5 6.27 -7.42 -13.88
C LYS B 5 6.97 -6.18 -13.33
N ARG B 6 6.22 -5.09 -13.21
CA ARG B 6 6.67 -3.85 -12.57
C ARG B 6 6.13 -3.77 -11.15
N PRO B 7 6.96 -3.51 -10.15
CA PRO B 7 6.48 -3.39 -8.78
C PRO B 7 5.88 -2.01 -8.54
N MET B 8 5.40 -1.81 -7.32
CA MET B 8 4.71 -0.57 -6.97
C MET B 8 5.71 0.57 -6.77
N ASN B 9 5.43 1.71 -7.42
CA ASN B 9 6.13 2.98 -7.18
C ASN B 9 5.51 4.07 -8.06
N ARG B 76 0.65 6.82 10.31
CA ARG B 76 1.58 5.96 11.05
C ARG B 76 1.38 6.11 12.55
N ARG B 77 1.01 7.32 12.97
CA ARG B 77 0.83 7.64 14.38
C ARG B 77 -0.53 8.30 14.59
N LYS B 78 -1.15 7.99 15.73
CA LYS B 78 -2.45 8.54 16.08
C LYS B 78 -2.38 9.12 17.48
N THR B 79 -2.66 10.42 17.60
CA THR B 79 -2.77 11.03 18.91
C THR B 79 -4.16 10.78 19.47
N LYS B 80 -4.24 10.61 20.78
CA LYS B 80 -5.52 10.34 21.43
C LYS B 80 -6.06 11.60 22.06
N THR B 81 -7.31 11.92 21.74
CA THR B 81 -7.98 13.12 22.25
C THR B 81 -9.36 12.72 22.76
N LEU B 82 -9.71 13.21 23.94
CA LEU B 82 -11.05 12.96 24.48
C LEU B 82 -12.12 13.72 23.68
N MET B 83 -11.73 14.75 22.94
CA MET B 83 -12.66 15.51 22.10
C MET B 83 -12.81 14.84 20.73
#